data_6KB9
#
_entry.id   6KB9
#
_cell.length_a   44.859
_cell.length_b   61.197
_cell.length_c   53.114
_cell.angle_alpha   90.000
_cell.angle_beta   106.790
_cell.angle_gamma   90.000
#
_symmetry.space_group_name_H-M   'P 1 21 1'
#
loop_
_entity.id
_entity.type
_entity.pdbx_description
1 polymer 'Peroxisome proliferator-activated receptor alpha'
2 non-polymer GLYCEROL
3 non-polymer '(2~{R})-2-[3-[[1,3-benzoxazol-2-yl-[3-(4-methoxyphenoxy)propyl]amino]methyl]phenoxy]butanoic acid'
4 water water
#
_entity_poly.entity_id   1
_entity_poly.type   'polypeptide(L)'
_entity_poly.pdbx_seq_one_letter_code
;GSHMTADLKSLAKRIYEAYLKNFNMNKVKARVILSGKASNNPPFVIHDMETLCMAEKTLVAKLVANGIQNKEAEVRIFHC
CQCTSVETVTELTEFAKAIPGFANLDLNDQVTLLKYGVYEAIFAMLSSVMNKDGMLVAYGNGFITREFLKSLRKPFCDIM
EPKFDFAMKFNALELDDSDISLFVAAIICCGDRPGLLNVGHIEKMQEGIVHVLRLHLQSNHPDDIFLFPKLLQKMADLRQ
LVTEHAQLVQIIKKTESDAALHPLLQEIYRDMY
;
_entity_poly.pdbx_strand_id   A
#
# COMPACT_ATOMS: atom_id res chain seq x y z
N MET A 4 27.21 -24.20 5.62
CA MET A 4 27.74 -22.99 4.99
C MET A 4 26.81 -22.53 3.87
N THR A 5 25.60 -22.19 4.27
CA THR A 5 24.52 -21.84 3.36
C THR A 5 23.76 -20.67 3.95
N ALA A 6 23.08 -19.92 3.08
CA ALA A 6 22.14 -18.91 3.56
C ALA A 6 21.11 -19.56 4.46
N ASP A 7 20.74 -18.87 5.54
CA ASP A 7 19.69 -19.30 6.45
C ASP A 7 18.41 -18.55 6.07
N LEU A 8 17.58 -19.20 5.25
CA LEU A 8 16.42 -18.52 4.68
C LEU A 8 15.34 -18.31 5.73
N LYS A 9 15.26 -19.17 6.75
CA LYS A 9 14.29 -18.93 7.81
C LYS A 9 14.68 -17.69 8.61
N SER A 10 15.96 -17.55 8.93
CA SER A 10 16.44 -16.34 9.60
C SER A 10 16.14 -15.09 8.78
N LEU A 11 16.35 -15.16 7.46
CA LEU A 11 16.09 -14.01 6.60
C LEU A 11 14.61 -13.66 6.61
N ALA A 12 13.73 -14.67 6.56
CA ALA A 12 12.30 -14.39 6.60
C ALA A 12 11.93 -13.66 7.88
N LYS A 13 12.53 -14.07 9.00
CA LYS A 13 12.23 -13.42 10.27
C LYS A 13 12.77 -12.00 10.30
N ARG A 14 13.96 -11.78 9.74
CA ARG A 14 14.51 -10.44 9.68
C ARG A 14 13.59 -9.50 8.92
N ILE A 15 13.08 -9.96 7.76
N ILE A 15 13.06 -9.95 7.78
CA ILE A 15 12.18 -9.13 6.95
CA ILE A 15 12.20 -9.08 6.98
C ILE A 15 10.92 -8.81 7.73
C ILE A 15 10.89 -8.81 7.71
N TYR A 16 10.33 -9.83 8.38
CA TYR A 16 9.12 -9.63 9.20
C TYR A 16 9.37 -8.62 10.32
N GLU A 17 10.50 -8.75 11.01
CA GLU A 17 10.82 -7.80 12.07
C GLU A 17 10.97 -6.37 11.52
N ALA A 18 11.56 -6.23 10.33
CA ALA A 18 11.70 -4.91 9.73
C ALA A 18 10.34 -4.33 9.37
N TYR A 19 9.43 -5.18 8.90
CA TYR A 19 8.07 -4.74 8.61
C TYR A 19 7.35 -4.28 9.88
N LEU A 20 7.50 -5.05 10.96
CA LEU A 20 6.83 -4.67 12.20
C LEU A 20 7.36 -3.36 12.75
N LYS A 21 8.65 -3.08 12.52
CA LYS A 21 9.29 -1.87 13.02
C LYS A 21 8.95 -0.65 12.20
N ASN A 22 8.74 -0.80 10.89
CA ASN A 22 8.71 0.34 10.01
C ASN A 22 7.31 0.76 9.58
N PHE A 23 6.32 -0.12 9.62
CA PHE A 23 4.97 0.25 9.18
C PHE A 23 4.05 0.49 10.38
N ASN A 24 3.41 1.66 10.38
CA ASN A 24 2.54 2.02 11.50
C ASN A 24 1.32 1.13 11.54
N MET A 25 0.88 0.62 10.40
CA MET A 25 -0.28 -0.26 10.32
C MET A 25 0.15 -1.65 9.87
N ASN A 26 -0.46 -2.67 10.45
CA ASN A 26 -0.25 -4.03 10.02
C ASN A 26 -1.54 -4.79 10.27
N LYS A 27 -1.57 -6.05 9.85
CA LYS A 27 -2.83 -6.75 9.81
C LYS A 27 -3.34 -7.10 11.20
N VAL A 28 -2.44 -7.45 12.12
CA VAL A 28 -2.82 -7.67 13.51
C VAL A 28 -3.46 -6.41 14.10
N LYS A 29 -2.77 -5.28 13.97
CA LYS A 29 -3.31 -4.04 14.50
C LYS A 29 -4.67 -3.72 13.88
N ALA A 30 -4.78 -3.89 12.57
CA ALA A 30 -6.02 -3.54 11.88
C ALA A 30 -7.17 -4.43 12.33
N ARG A 31 -6.90 -5.73 12.49
CA ARG A 31 -7.96 -6.65 12.89
C ARG A 31 -8.44 -6.37 14.31
N VAL A 32 -7.54 -5.99 15.21
CA VAL A 32 -7.97 -5.63 16.56
C VAL A 32 -9.00 -4.50 16.48
N ILE A 33 -8.71 -3.48 15.67
CA ILE A 33 -9.62 -2.34 15.58
C ILE A 33 -10.93 -2.75 14.92
N LEU A 34 -10.85 -3.48 13.80
CA LEU A 34 -12.03 -3.85 13.05
C LEU A 34 -12.93 -4.81 13.83
N SER A 35 -12.39 -5.52 14.81
CA SER A 35 -13.21 -6.45 15.58
C SER A 35 -14.13 -5.73 16.56
N GLY A 36 -13.69 -4.57 17.08
CA GLY A 36 -14.45 -3.87 18.08
C GLY A 36 -13.89 -4.10 19.48
N SER A 39 -10.70 -0.67 23.14
CA SER A 39 -11.71 0.09 23.85
C SER A 39 -11.38 1.59 23.85
N ASN A 40 -10.10 1.92 23.80
CA ASN A 40 -9.67 3.31 23.72
C ASN A 40 -9.48 3.70 22.27
N ASN A 41 -9.70 4.99 21.98
CA ASN A 41 -9.53 5.51 20.63
C ASN A 41 -10.35 4.72 19.60
N PRO A 42 -11.61 4.37 19.89
CA PRO A 42 -12.38 3.59 18.92
C PRO A 42 -12.59 4.38 17.65
N PRO A 43 -12.68 3.70 16.50
CA PRO A 43 -12.73 4.42 15.21
C PRO A 43 -14.05 5.13 15.00
N PHE A 44 -13.97 6.39 14.56
CA PHE A 44 -15.16 7.13 14.18
C PHE A 44 -15.65 6.66 12.80
N VAL A 45 -16.95 6.38 12.70
CA VAL A 45 -17.51 5.80 11.49
C VAL A 45 -17.94 6.93 10.56
N ILE A 46 -17.41 6.91 9.35
CA ILE A 46 -17.71 7.90 8.31
C ILE A 46 -18.56 7.19 7.28
N HIS A 47 -19.87 7.47 7.27
CA HIS A 47 -20.79 6.83 6.35
C HIS A 47 -21.61 7.82 5.54
N ASP A 48 -21.46 9.11 5.77
CA ASP A 48 -22.22 10.12 5.04
C ASP A 48 -21.49 11.45 5.19
N MET A 49 -22.04 12.50 4.57
N MET A 49 -22.06 12.49 4.57
CA MET A 49 -21.35 13.79 4.62
CA MET A 49 -21.42 13.80 4.61
C MET A 49 -21.31 14.35 6.05
C MET A 49 -21.32 14.33 6.03
N GLU A 50 -22.39 14.18 6.83
CA GLU A 50 -22.35 14.67 8.21
C GLU A 50 -21.19 14.07 8.97
N THR A 51 -21.02 12.74 8.90
CA THR A 51 -19.97 12.10 9.69
C THR A 51 -18.59 12.34 9.09
N LEU A 52 -18.47 12.50 7.77
CA LEU A 52 -17.19 12.95 7.23
C LEU A 52 -16.77 14.26 7.86
N CYS A 53 -17.69 15.23 7.90
CA CYS A 53 -17.30 16.55 8.38
C CYS A 53 -16.99 16.52 9.87
N MET A 54 -17.74 15.73 10.64
CA MET A 54 -17.43 15.56 12.05
C MET A 54 -16.05 14.94 12.24
N ALA A 55 -15.74 13.92 11.45
CA ALA A 55 -14.44 13.26 11.59
C ALA A 55 -13.30 14.21 11.25
N GLU A 56 -13.46 14.99 10.18
CA GLU A 56 -12.44 15.96 9.79
C GLU A 56 -12.17 16.96 10.91
N LYS A 57 -13.23 17.43 11.58
CA LYS A 57 -13.01 18.43 12.62
C LYS A 57 -12.21 17.85 13.78
N THR A 58 -12.34 16.56 14.06
CA THR A 58 -11.55 15.99 15.13
C THR A 58 -10.21 15.49 14.65
N LEU A 59 -10.13 14.85 13.48
CA LEU A 59 -8.92 14.12 13.09
C LEU A 59 -8.00 14.86 12.14
N VAL A 60 -8.49 15.83 11.37
CA VAL A 60 -7.66 16.64 10.49
C VAL A 60 -8.13 18.09 10.54
N ALA A 61 -8.15 18.66 11.74
CA ALA A 61 -8.82 19.94 11.97
C ALA A 61 -8.32 21.03 11.03
N LYS A 62 -7.01 21.06 10.79
CA LYS A 62 -6.42 22.11 9.97
C LYS A 62 -7.04 22.15 8.57
N LEU A 63 -7.39 20.98 8.03
CA LEU A 63 -7.91 20.90 6.66
C LEU A 63 -9.27 21.55 6.51
N VAL A 64 -10.02 21.70 7.59
CA VAL A 64 -11.35 22.29 7.50
C VAL A 64 -11.47 23.55 8.37
N ALA A 65 -10.33 24.11 8.79
CA ALA A 65 -10.31 25.31 9.62
C ALA A 65 -10.41 26.58 8.78
N ASN A 66 -10.63 26.44 7.49
CA ASN A 66 -10.80 27.57 6.59
C ASN A 66 -12.27 27.95 6.53
N GLY A 67 -12.54 29.16 6.09
CA GLY A 67 -13.92 29.61 6.01
C GLY A 67 -14.71 28.84 4.98
N ILE A 68 -15.44 29.55 4.13
CA ILE A 68 -16.06 28.94 2.95
C ILE A 68 -14.95 28.68 1.94
N GLN A 69 -13.70 28.89 2.36
CA GLN A 69 -12.53 28.58 1.57
C GLN A 69 -12.12 27.12 1.63
N ASN A 70 -12.72 26.32 2.52
CA ASN A 70 -12.46 24.89 2.52
C ASN A 70 -12.72 24.32 1.14
N LYS A 71 -11.96 23.28 0.78
CA LYS A 71 -12.18 22.62 -0.49
C LYS A 71 -13.44 21.75 -0.43
N GLU A 72 -13.93 21.38 -1.61
CA GLU A 72 -15.01 20.42 -1.78
C GLU A 72 -14.68 19.11 -1.06
N ALA A 73 -15.70 18.44 -0.52
CA ALA A 73 -15.45 17.23 0.29
C ALA A 73 -14.63 16.20 -0.49
N GLU A 74 -14.95 15.99 -1.77
CA GLU A 74 -14.20 15.00 -2.57
C GLU A 74 -12.73 15.35 -2.67
N VAL A 75 -12.41 16.65 -2.80
CA VAL A 75 -11.02 17.09 -2.90
C VAL A 75 -10.32 16.95 -1.55
N ARG A 76 -11.04 17.20 -0.45
CA ARG A 76 -10.46 16.99 0.87
C ARG A 76 -10.10 15.52 1.07
N ILE A 77 -10.97 14.60 0.63
CA ILE A 77 -10.68 13.17 0.75
C ILE A 77 -9.48 12.81 -0.11
N PHE A 78 -9.44 13.31 -1.34
CA PHE A 78 -8.29 13.12 -2.23
C PHE A 78 -7.00 13.54 -1.53
N HIS A 79 -7.02 14.72 -0.86
CA HIS A 79 -5.84 15.20 -0.14
C HIS A 79 -5.46 14.27 1.01
N CYS A 80 -6.44 13.81 1.79
CA CYS A 80 -6.15 12.90 2.89
C CYS A 80 -5.54 11.59 2.39
N CYS A 81 -6.04 11.09 1.25
CA CYS A 81 -5.48 9.86 0.70
C CYS A 81 -4.00 10.04 0.35
N GLN A 82 -3.66 11.17 -0.27
CA GLN A 82 -2.27 11.42 -0.65
C GLN A 82 -1.38 11.51 0.58
N CYS A 83 -1.87 12.14 1.64
CA CYS A 83 -1.06 12.25 2.85
C CYS A 83 -0.64 10.88 3.35
N THR A 84 -1.57 9.91 3.36
CA THR A 84 -1.19 8.57 3.79
C THR A 84 -0.17 7.95 2.85
N SER A 85 -0.31 8.15 1.54
CA SER A 85 0.65 7.61 0.59
C SER A 85 2.05 8.16 0.86
N VAL A 86 2.16 9.47 1.10
CA VAL A 86 3.47 10.08 1.36
C VAL A 86 4.13 9.45 2.58
N GLU A 87 3.35 9.26 3.65
CA GLU A 87 3.91 8.66 4.85
C GLU A 87 4.31 7.21 4.61
N THR A 88 3.50 6.47 3.85
CA THR A 88 3.82 5.08 3.60
C THR A 88 5.06 4.95 2.70
N VAL A 89 5.26 5.90 1.77
CA VAL A 89 6.48 5.88 0.96
C VAL A 89 7.70 6.00 1.85
N THR A 90 7.65 6.87 2.87
CA THR A 90 8.76 6.98 3.81
C THR A 90 8.99 5.65 4.51
N GLU A 91 7.92 4.99 4.97
CA GLU A 91 8.08 3.72 5.66
C GLU A 91 8.67 2.67 4.74
N LEU A 92 8.20 2.63 3.48
CA LEU A 92 8.69 1.63 2.53
C LEU A 92 10.17 1.84 2.23
N THR A 93 10.59 3.10 2.13
CA THR A 93 12.00 3.40 1.86
C THR A 93 12.91 2.87 2.97
N GLU A 94 12.49 3.03 4.23
CA GLU A 94 13.28 2.51 5.34
C GLU A 94 13.23 0.99 5.40
N PHE A 95 12.05 0.42 5.21
CA PHE A 95 11.90 -1.03 5.11
C PHE A 95 12.84 -1.64 4.10
N ALA A 96 12.98 -1.00 2.93
CA ALA A 96 13.76 -1.60 1.85
C ALA A 96 15.20 -1.84 2.26
N LYS A 97 15.71 -1.10 3.24
CA LYS A 97 17.08 -1.31 3.71
C LYS A 97 17.30 -2.71 4.28
N ALA A 98 16.25 -3.35 4.80
CA ALA A 98 16.37 -4.71 5.32
C ALA A 98 16.48 -5.76 4.23
N ILE A 99 16.19 -5.43 2.97
CA ILE A 99 16.19 -6.43 1.92
C ILE A 99 17.62 -6.72 1.51
N PRO A 100 18.11 -7.97 1.62
CA PRO A 100 19.50 -8.25 1.26
C PRO A 100 19.83 -7.76 -0.14
N GLY A 101 20.85 -6.92 -0.22
CA GLY A 101 21.35 -6.40 -1.48
C GLY A 101 20.81 -5.06 -1.89
N PHE A 102 19.67 -4.63 -1.33
CA PHE A 102 19.05 -3.40 -1.80
C PHE A 102 19.95 -2.20 -1.54
N ALA A 103 20.49 -2.12 -0.33
CA ALA A 103 21.34 -1.00 0.05
C ALA A 103 22.69 -1.02 -0.65
N ASN A 104 23.07 -2.16 -1.26
CA ASN A 104 24.30 -2.23 -2.06
C ASN A 104 24.12 -1.77 -3.50
N LEU A 105 22.89 -1.51 -3.93
CA LEU A 105 22.63 -1.03 -5.28
C LEU A 105 22.99 0.45 -5.42
N ASP A 106 23.24 0.85 -6.67
CA ASP A 106 23.39 2.27 -6.97
C ASP A 106 22.17 3.04 -6.50
N LEU A 107 22.38 4.24 -5.99
CA LEU A 107 21.26 5.07 -5.53
C LEU A 107 20.17 5.21 -6.59
N ASN A 108 20.55 5.40 -7.85
CA ASN A 108 19.55 5.60 -8.90
C ASN A 108 18.66 4.36 -9.06
N ASP A 109 19.24 3.16 -8.96
CA ASP A 109 18.45 1.94 -9.04
C ASP A 109 17.54 1.78 -7.82
N GLN A 110 18.01 2.14 -6.63
CA GLN A 110 17.15 2.16 -5.46
C GLN A 110 15.93 3.05 -5.70
N VAL A 111 16.16 4.23 -6.27
CA VAL A 111 15.06 5.16 -6.53
C VAL A 111 14.07 4.57 -7.53
N THR A 112 14.59 3.95 -8.59
CA THR A 112 13.72 3.37 -9.61
C THR A 112 12.89 2.22 -9.05
N LEU A 113 13.51 1.32 -8.29
CA LEU A 113 12.75 0.23 -7.70
C LEU A 113 11.63 0.74 -6.79
N LEU A 114 11.94 1.73 -5.94
CA LEU A 114 10.90 2.27 -5.07
C LEU A 114 9.85 3.00 -5.88
N LYS A 115 10.26 3.72 -6.93
CA LYS A 115 9.30 4.48 -7.73
C LYS A 115 8.20 3.60 -8.27
N TYR A 116 8.55 2.45 -8.85
CA TYR A 116 7.56 1.56 -9.42
C TYR A 116 6.94 0.64 -8.40
N GLY A 117 7.62 0.38 -7.29
CA GLY A 117 7.13 -0.57 -6.34
C GLY A 117 6.21 0.01 -5.28
N VAL A 118 6.34 1.29 -4.93
CA VAL A 118 5.68 1.75 -3.71
C VAL A 118 4.16 1.61 -3.81
N TYR A 119 3.54 1.97 -4.95
CA TYR A 119 2.07 1.88 -4.99
C TYR A 119 1.58 0.43 -5.10
N GLU A 120 2.36 -0.47 -5.69
CA GLU A 120 2.01 -1.88 -5.61
C GLU A 120 2.01 -2.35 -4.16
N ALA A 121 3.03 -1.95 -3.39
CA ALA A 121 3.10 -2.29 -1.97
C ALA A 121 1.98 -1.62 -1.17
N ILE A 122 1.68 -0.35 -1.49
CA ILE A 122 0.60 0.37 -0.79
C ILE A 122 -0.72 -0.37 -0.96
N PHE A 123 -1.05 -0.76 -2.19
CA PHE A 123 -2.36 -1.40 -2.38
C PHE A 123 -2.39 -2.80 -1.79
N ALA A 124 -1.24 -3.50 -1.76
CA ALA A 124 -1.20 -4.79 -1.06
C ALA A 124 -1.48 -4.63 0.44
N MET A 125 -0.79 -3.68 1.08
CA MET A 125 -0.96 -3.47 2.52
C MET A 125 -2.30 -2.80 2.85
N LEU A 126 -2.82 -1.97 1.93
CA LEU A 126 -4.15 -1.41 2.07
C LEU A 126 -5.20 -2.50 2.33
N SER A 127 -5.02 -3.66 1.68
CA SER A 127 -5.98 -4.75 1.86
C SER A 127 -6.15 -5.11 3.32
N SER A 128 -5.09 -4.96 4.12
CA SER A 128 -5.18 -5.35 5.52
C SER A 128 -6.12 -4.49 6.32
N VAL A 129 -6.41 -3.27 5.88
CA VAL A 129 -7.33 -2.40 6.63
C VAL A 129 -8.73 -2.39 6.00
N MET A 130 -8.99 -3.23 5.01
CA MET A 130 -10.28 -3.27 4.34
C MET A 130 -11.08 -4.51 4.71
N ASN A 131 -12.37 -4.34 4.88
CA ASN A 131 -13.31 -5.45 4.79
C ASN A 131 -14.36 -5.09 3.74
N LYS A 132 -15.36 -5.96 3.57
CA LYS A 132 -16.29 -5.75 2.48
C LYS A 132 -17.14 -4.51 2.69
N ASP A 133 -17.15 -3.95 3.89
CA ASP A 133 -17.99 -2.79 4.19
C ASP A 133 -17.24 -1.46 4.24
N GLY A 134 -15.91 -1.46 4.34
CA GLY A 134 -15.23 -0.18 4.44
C GLY A 134 -13.78 -0.38 4.82
N MET A 135 -13.14 0.71 5.23
CA MET A 135 -11.69 0.66 5.47
C MET A 135 -11.28 1.60 6.60
N LEU A 136 -10.23 1.20 7.32
CA LEU A 136 -9.67 2.09 8.33
C LEU A 136 -8.91 3.23 7.69
N VAL A 137 -9.02 4.40 8.30
CA VAL A 137 -8.28 5.59 7.89
C VAL A 137 -7.73 6.29 9.13
N ALA A 138 -6.83 7.25 8.87
CA ALA A 138 -6.31 8.14 9.92
C ALA A 138 -5.72 7.34 11.07
N TYR A 139 -4.77 6.45 10.73
CA TYR A 139 -3.99 5.73 11.73
C TYR A 139 -4.89 4.91 12.63
N GLY A 140 -5.96 4.36 12.04
CA GLY A 140 -6.90 3.49 12.72
C GLY A 140 -7.99 4.19 13.49
N ASN A 141 -8.11 5.51 13.36
CA ASN A 141 -9.07 6.28 14.16
C ASN A 141 -10.35 6.62 13.42
N GLY A 142 -10.45 6.25 12.14
CA GLY A 142 -11.71 6.34 11.43
C GLY A 142 -11.94 5.08 10.64
N PHE A 143 -13.21 4.85 10.31
CA PHE A 143 -13.61 3.77 9.41
C PHE A 143 -14.55 4.41 8.40
N ILE A 144 -14.14 4.43 7.14
CA ILE A 144 -14.97 5.07 6.10
C ILE A 144 -15.64 3.96 5.30
N THR A 145 -16.94 4.09 5.05
CA THR A 145 -17.63 2.97 4.42
C THR A 145 -17.40 2.95 2.92
N ARG A 146 -17.42 1.73 2.39
CA ARG A 146 -17.26 1.51 0.97
C ARG A 146 -18.36 2.20 0.18
N GLU A 147 -19.57 2.17 0.73
CA GLU A 147 -20.70 2.80 0.05
C GLU A 147 -20.57 4.32 0.02
N PHE A 148 -20.05 4.92 1.11
CA PHE A 148 -19.85 6.36 1.08
C PHE A 148 -18.85 6.76 -0.01
N LEU A 149 -17.75 6.01 -0.14
CA LEU A 149 -16.78 6.35 -1.17
C LEU A 149 -17.36 6.18 -2.57
N LYS A 150 -18.24 5.19 -2.76
CA LYS A 150 -18.93 5.04 -4.03
C LYS A 150 -19.90 6.17 -4.31
N SER A 151 -20.37 6.88 -3.27
CA SER A 151 -21.35 7.95 -3.43
C SER A 151 -20.71 9.26 -3.87
N LEU A 152 -19.39 9.36 -3.84
CA LEU A 152 -18.74 10.62 -4.18
C LEU A 152 -18.99 10.96 -5.64
N ARG A 153 -18.87 12.24 -5.96
CA ARG A 153 -19.06 12.60 -7.36
C ARG A 153 -17.91 12.08 -8.21
N LYS A 154 -18.25 11.73 -9.44
CA LYS A 154 -17.25 11.33 -10.42
C LYS A 154 -16.22 12.46 -10.58
N PRO A 155 -14.93 12.14 -10.74
CA PRO A 155 -14.37 10.79 -10.83
C PRO A 155 -13.88 10.24 -9.49
N PHE A 156 -14.20 10.92 -8.39
CA PHE A 156 -13.59 10.56 -7.11
C PHE A 156 -14.15 9.25 -6.57
N CYS A 157 -15.38 8.89 -6.95
CA CYS A 157 -15.96 7.61 -6.57
C CYS A 157 -15.28 6.41 -7.23
N ASP A 158 -14.40 6.65 -8.20
CA ASP A 158 -13.72 5.56 -8.88
C ASP A 158 -12.36 5.24 -8.29
N ILE A 159 -11.91 5.99 -7.27
CA ILE A 159 -10.57 5.77 -6.73
C ILE A 159 -10.50 4.47 -5.95
N MET A 160 -11.37 4.29 -4.97
CA MET A 160 -11.16 3.22 -4.00
C MET A 160 -11.79 1.90 -4.41
N GLU A 161 -12.87 1.90 -5.19
CA GLU A 161 -13.58 0.66 -5.42
C GLU A 161 -12.72 -0.43 -6.07
N PRO A 162 -11.85 -0.17 -7.04
CA PRO A 162 -11.00 -1.26 -7.56
C PRO A 162 -10.05 -1.81 -6.51
N LYS A 163 -9.69 -0.97 -5.54
CA LYS A 163 -8.80 -1.44 -4.47
C LYS A 163 -9.55 -2.36 -3.52
N PHE A 164 -10.83 -2.04 -3.23
CA PHE A 164 -11.67 -2.98 -2.48
C PHE A 164 -11.80 -4.30 -3.23
N ASP A 165 -12.02 -4.24 -4.54
CA ASP A 165 -12.17 -5.48 -5.32
C ASP A 165 -10.93 -6.34 -5.22
N PHE A 166 -9.75 -5.72 -5.38
CA PHE A 166 -8.51 -6.47 -5.20
C PHE A 166 -8.42 -7.05 -3.79
N ALA A 167 -8.70 -6.21 -2.79
CA ALA A 167 -8.51 -6.61 -1.40
C ALA A 167 -9.40 -7.79 -1.00
N MET A 168 -10.65 -7.83 -1.50
CA MET A 168 -11.52 -8.89 -1.02
C MET A 168 -10.96 -10.25 -1.43
N LYS A 169 -10.43 -10.35 -2.65
CA LYS A 169 -9.81 -11.59 -3.09
C LYS A 169 -8.45 -11.82 -2.44
N PHE A 170 -7.66 -10.75 -2.27
CA PHE A 170 -6.36 -10.90 -1.60
C PHE A 170 -6.54 -11.38 -0.16
N ASN A 171 -7.51 -10.80 0.54
CA ASN A 171 -7.75 -11.18 1.94
C ASN A 171 -8.25 -12.61 2.04
N ALA A 172 -8.92 -13.12 1.01
CA ALA A 172 -9.39 -14.49 1.04
C ALA A 172 -8.24 -15.50 1.06
N LEU A 173 -7.03 -15.08 0.68
CA LEU A 173 -5.84 -15.94 0.81
C LEU A 173 -5.40 -16.15 2.25
N GLU A 174 -5.90 -15.32 3.18
CA GLU A 174 -5.61 -15.44 4.60
C GLU A 174 -4.10 -15.38 4.86
N LEU A 175 -3.41 -14.43 4.23
CA LEU A 175 -2.03 -14.18 4.60
C LEU A 175 -1.96 -13.56 5.99
N ASP A 176 -0.84 -13.75 6.67
CA ASP A 176 -0.54 -13.01 7.90
C ASP A 176 0.62 -12.06 7.64
N ASP A 177 0.97 -11.27 8.66
CA ASP A 177 2.00 -10.26 8.49
C ASP A 177 3.35 -10.85 8.10
N SER A 178 3.66 -12.07 8.57
CA SER A 178 4.93 -12.68 8.16
C SER A 178 4.97 -12.98 6.67
N ASP A 179 3.81 -13.32 6.08
CA ASP A 179 3.72 -13.49 4.63
C ASP A 179 3.78 -12.14 3.91
N ILE A 180 3.00 -11.16 4.41
CA ILE A 180 2.88 -9.88 3.71
C ILE A 180 4.22 -9.18 3.67
N SER A 181 5.00 -9.27 4.75
CA SER A 181 6.30 -8.61 4.77
C SER A 181 7.18 -9.11 3.62
N LEU A 182 7.18 -10.41 3.37
CA LEU A 182 7.99 -10.97 2.29
C LEU A 182 7.41 -10.65 0.92
N PHE A 183 6.08 -10.60 0.83
CA PHE A 183 5.42 -10.21 -0.42
C PHE A 183 5.76 -8.77 -0.78
N VAL A 184 5.75 -7.87 0.20
CA VAL A 184 6.13 -6.48 -0.04
C VAL A 184 7.60 -6.38 -0.43
N ALA A 185 8.48 -7.17 0.20
CA ALA A 185 9.87 -7.17 -0.20
C ALA A 185 10.03 -7.65 -1.63
N ALA A 186 9.26 -8.68 -2.03
CA ALA A 186 9.35 -9.19 -3.40
C ALA A 186 8.86 -8.16 -4.41
N ILE A 187 7.81 -7.42 -4.06
CA ILE A 187 7.31 -6.36 -4.95
C ILE A 187 8.42 -5.37 -5.26
N ILE A 188 9.17 -4.96 -4.23
CA ILE A 188 10.18 -3.94 -4.41
C ILE A 188 11.32 -4.45 -5.31
N CYS A 189 11.60 -5.76 -5.27
CA CYS A 189 12.71 -6.37 -6.01
C CYS A 189 12.27 -6.91 -7.37
N CYS A 190 11.75 -6.05 -8.23
CA CYS A 190 11.37 -6.47 -9.58
C CYS A 190 12.46 -6.04 -10.55
N GLY A 191 13.08 -7.00 -11.21
CA GLY A 191 14.16 -6.67 -12.11
C GLY A 191 13.75 -6.13 -13.45
N ASP A 192 12.45 -6.07 -13.73
CA ASP A 192 12.01 -5.62 -15.05
C ASP A 192 11.42 -4.22 -15.01
N ARG A 193 11.71 -3.44 -13.98
CA ARG A 193 11.26 -2.05 -13.97
C ARG A 193 11.96 -1.26 -15.06
N PRO A 194 11.26 -0.33 -15.69
CA PRO A 194 11.90 0.51 -16.72
C PRO A 194 13.04 1.32 -16.14
N GLY A 195 14.14 1.38 -16.90
CA GLY A 195 15.20 2.30 -16.58
C GLY A 195 16.24 1.80 -15.59
N LEU A 196 16.22 0.52 -15.22
CA LEU A 196 17.22 0.03 -14.28
C LEU A 196 18.58 -0.09 -14.95
N LEU A 197 19.63 0.23 -14.20
CA LEU A 197 21.01 0.18 -14.69
C LEU A 197 21.62 -1.21 -14.48
N ASN A 198 21.64 -1.68 -13.24
CA ASN A 198 22.29 -2.94 -12.92
C ASN A 198 21.25 -4.05 -12.82
N VAL A 199 20.69 -4.41 -13.98
CA VAL A 199 19.63 -5.40 -14.02
C VAL A 199 20.10 -6.74 -13.45
N GLY A 200 21.34 -7.13 -13.74
CA GLY A 200 21.79 -8.43 -13.29
C GLY A 200 21.78 -8.57 -11.77
N HIS A 201 22.33 -7.58 -11.08
CA HIS A 201 22.37 -7.67 -9.62
C HIS A 201 20.97 -7.63 -9.03
N ILE A 202 20.08 -6.85 -9.64
CA ILE A 202 18.69 -6.77 -9.16
C ILE A 202 17.99 -8.11 -9.38
N GLU A 203 18.21 -8.75 -10.53
CA GLU A 203 17.61 -10.06 -10.74
C GLU A 203 18.08 -11.06 -9.69
N LYS A 204 19.35 -10.98 -9.28
CA LYS A 204 19.82 -11.89 -8.25
C LYS A 204 19.20 -11.56 -6.89
N MET A 205 19.05 -10.27 -6.59
CA MET A 205 18.38 -9.87 -5.36
C MET A 205 16.95 -10.39 -5.35
N GLN A 206 16.23 -10.20 -6.46
CA GLN A 206 14.87 -10.71 -6.61
C GLN A 206 14.82 -12.22 -6.44
N GLU A 207 15.72 -12.94 -7.10
N GLU A 207 15.73 -12.94 -7.09
CA GLU A 207 15.74 -14.39 -6.95
CA GLU A 207 15.73 -14.39 -6.96
C GLU A 207 15.87 -14.79 -5.48
C GLU A 207 15.90 -14.81 -5.50
N GLY A 208 16.73 -14.09 -4.74
CA GLY A 208 16.93 -14.45 -3.35
C GLY A 208 15.70 -14.23 -2.50
N ILE A 209 15.07 -13.07 -2.66
N ILE A 209 15.09 -13.05 -2.63
CA ILE A 209 13.91 -12.77 -1.82
CA ILE A 209 13.90 -12.75 -1.83
C ILE A 209 12.73 -13.62 -2.21
C ILE A 209 12.76 -13.69 -2.21
N VAL A 210 12.57 -13.93 -3.51
CA VAL A 210 11.49 -14.81 -3.92
C VAL A 210 11.72 -16.22 -3.39
N HIS A 211 12.97 -16.67 -3.33
CA HIS A 211 13.27 -17.96 -2.71
C HIS A 211 12.84 -17.98 -1.25
N VAL A 212 13.16 -16.91 -0.50
CA VAL A 212 12.73 -16.78 0.88
C VAL A 212 11.22 -16.85 0.99
N LEU A 213 10.53 -16.11 0.11
CA LEU A 213 9.07 -16.08 0.11
C LEU A 213 8.50 -17.47 -0.17
N ARG A 214 9.02 -18.15 -1.20
N ARG A 214 9.03 -18.14 -1.20
CA ARG A 214 8.52 -19.46 -1.56
CA ARG A 214 8.55 -19.47 -1.58
C ARG A 214 8.64 -20.44 -0.39
C ARG A 214 8.65 -20.45 -0.42
N LEU A 215 9.83 -20.50 0.23
CA LEU A 215 10.01 -21.42 1.35
C LEU A 215 9.11 -21.06 2.52
N HIS A 216 8.96 -19.76 2.78
CA HIS A 216 8.11 -19.36 3.89
C HIS A 216 6.66 -19.77 3.67
N LEU A 217 6.14 -19.55 2.46
CA LEU A 217 4.77 -19.92 2.19
C LEU A 217 4.57 -21.43 2.30
N GLN A 218 5.57 -22.21 1.87
CA GLN A 218 5.52 -23.65 2.01
C GLN A 218 5.39 -24.06 3.48
N SER A 219 6.14 -23.41 4.36
CA SER A 219 6.10 -23.74 5.80
C SER A 219 4.84 -23.21 6.46
N ASN A 220 4.44 -21.99 6.14
CA ASN A 220 3.39 -21.29 6.87
C ASN A 220 1.99 -21.62 6.36
N HIS A 221 1.86 -22.10 5.12
CA HIS A 221 0.57 -22.42 4.53
C HIS A 221 0.65 -23.79 3.88
N PRO A 222 0.87 -24.84 4.67
CA PRO A 222 0.93 -26.19 4.11
C PRO A 222 -0.37 -26.63 3.48
N ASP A 223 -1.48 -25.96 3.81
CA ASP A 223 -2.79 -26.32 3.28
C ASP A 223 -3.03 -25.83 1.86
N ASP A 224 -2.23 -24.88 1.37
CA ASP A 224 -2.50 -24.22 0.08
C ASP A 224 -1.26 -24.39 -0.79
N ILE A 225 -1.19 -25.49 -1.54
CA ILE A 225 0.04 -25.78 -2.26
C ILE A 225 0.27 -24.86 -3.44
N PHE A 226 -0.74 -24.08 -3.83
CA PHE A 226 -0.58 -23.14 -4.93
C PHE A 226 -0.46 -21.69 -4.45
N LEU A 227 -0.22 -21.46 -3.16
CA LEU A 227 -0.23 -20.07 -2.70
C LEU A 227 0.87 -19.24 -3.37
N PHE A 228 2.06 -19.81 -3.59
CA PHE A 228 3.11 -19.02 -4.22
C PHE A 228 2.72 -18.56 -5.62
N PRO A 229 2.30 -19.42 -6.56
CA PRO A 229 1.89 -18.88 -7.87
C PRO A 229 0.68 -17.96 -7.78
N LYS A 230 -0.24 -18.19 -6.84
CA LYS A 230 -1.32 -17.23 -6.61
C LYS A 230 -0.76 -15.85 -6.33
N LEU A 231 0.26 -15.77 -5.48
CA LEU A 231 0.82 -14.46 -5.14
C LEU A 231 1.63 -13.87 -6.28
N LEU A 232 2.33 -14.71 -7.07
CA LEU A 232 2.95 -14.17 -8.26
C LEU A 232 1.92 -13.48 -9.15
N GLN A 233 0.74 -14.12 -9.33
CA GLN A 233 -0.32 -13.49 -10.12
C GLN A 233 -0.82 -12.21 -9.46
N LYS A 234 -0.94 -12.21 -8.13
CA LYS A 234 -1.36 -10.98 -7.45
C LYS A 234 -0.38 -9.84 -7.71
N MET A 235 0.92 -10.15 -7.82
CA MET A 235 1.91 -9.12 -8.13
C MET A 235 1.63 -8.51 -9.51
N ALA A 236 1.30 -9.35 -10.49
CA ALA A 236 0.98 -8.83 -11.80
C ALA A 236 -0.33 -8.04 -11.77
N ASP A 237 -1.32 -8.52 -11.02
CA ASP A 237 -2.58 -7.78 -10.86
C ASP A 237 -2.31 -6.42 -10.27
N LEU A 238 -1.40 -6.33 -9.29
CA LEU A 238 -1.11 -5.04 -8.66
C LEU A 238 -0.46 -4.08 -9.64
N ARG A 239 0.42 -4.58 -10.51
CA ARG A 239 1.03 -3.71 -11.51
C ARG A 239 -0.05 -3.11 -12.39
N GLN A 240 -1.02 -3.92 -12.82
CA GLN A 240 -2.11 -3.38 -13.62
C GLN A 240 -2.97 -2.41 -12.82
N LEU A 241 -3.24 -2.73 -11.55
CA LEU A 241 -4.02 -1.82 -10.70
C LEU A 241 -3.35 -0.46 -10.58
N VAL A 242 -2.02 -0.45 -10.44
CA VAL A 242 -1.29 0.80 -10.32
C VAL A 242 -1.32 1.57 -11.65
N THR A 243 -1.16 0.86 -12.77
CA THR A 243 -1.21 1.52 -14.07
C THR A 243 -2.54 2.24 -14.24
N GLU A 244 -3.64 1.56 -13.92
CA GLU A 244 -4.96 2.17 -14.04
C GLU A 244 -5.14 3.30 -13.04
N HIS A 245 -4.63 3.12 -11.82
CA HIS A 245 -4.72 4.17 -10.82
C HIS A 245 -4.00 5.44 -11.28
N ALA A 246 -2.79 5.28 -11.81
CA ALA A 246 -2.02 6.43 -12.28
C ALA A 246 -2.79 7.17 -13.37
N GLN A 247 -3.47 6.43 -14.24
CA GLN A 247 -4.25 7.08 -15.29
C GLN A 247 -5.38 7.92 -14.69
N LEU A 248 -6.06 7.39 -13.68
CA LEU A 248 -7.12 8.14 -13.03
C LEU A 248 -6.56 9.37 -12.30
N VAL A 249 -5.42 9.22 -11.62
CA VAL A 249 -4.83 10.36 -10.93
C VAL A 249 -4.51 11.46 -11.93
N GLN A 250 -4.05 11.10 -13.12
CA GLN A 250 -3.73 12.10 -14.14
C GLN A 250 -5.00 12.80 -14.62
N ILE A 251 -6.09 12.06 -14.78
CA ILE A 251 -7.36 12.69 -15.17
C ILE A 251 -7.78 13.71 -14.12
N ILE A 252 -7.70 13.35 -12.85
CA ILE A 252 -8.10 14.26 -11.78
C ILE A 252 -7.18 15.47 -11.75
N LYS A 253 -5.87 15.25 -11.85
CA LYS A 253 -4.94 16.36 -11.84
C LYS A 253 -5.26 17.37 -12.93
N LYS A 254 -5.59 16.88 -14.12
CA LYS A 254 -5.78 17.74 -15.28
C LYS A 254 -7.14 18.44 -15.27
N THR A 255 -8.19 17.80 -14.76
CA THR A 255 -9.54 18.32 -14.88
C THR A 255 -10.10 18.92 -13.59
N GLU A 256 -9.46 18.68 -12.45
CA GLU A 256 -9.95 19.17 -11.15
C GLU A 256 -8.95 20.21 -10.63
N SER A 257 -9.26 21.48 -10.89
CA SER A 257 -8.31 22.55 -10.61
C SER A 257 -7.95 22.65 -9.12
N ASP A 258 -8.84 22.20 -8.24
CA ASP A 258 -8.56 22.24 -6.81
C ASP A 258 -7.85 21.01 -6.29
N ALA A 259 -7.78 19.93 -7.07
CA ALA A 259 -7.16 18.69 -6.61
C ALA A 259 -5.67 18.77 -6.95
N ALA A 260 -4.87 19.13 -5.96
CA ALA A 260 -3.44 19.22 -6.16
C ALA A 260 -2.77 17.90 -5.78
N LEU A 261 -1.60 17.68 -6.36
CA LEU A 261 -0.82 16.48 -6.08
C LEU A 261 0.44 16.88 -5.33
N HIS A 262 0.68 16.23 -4.19
CA HIS A 262 1.88 16.45 -3.39
C HIS A 262 3.14 16.24 -4.23
N PRO A 263 4.17 17.09 -4.09
CA PRO A 263 5.31 17.02 -5.02
C PRO A 263 6.06 15.69 -5.00
N LEU A 264 6.10 14.99 -3.86
CA LEU A 264 6.77 13.70 -3.84
C LEU A 264 6.00 12.68 -4.67
N LEU A 265 4.68 12.72 -4.61
CA LEU A 265 3.89 11.81 -5.41
C LEU A 265 3.92 12.21 -6.88
N GLN A 266 3.99 13.50 -7.17
CA GLN A 266 4.10 13.91 -8.57
C GLN A 266 5.35 13.33 -9.19
N GLU A 267 6.47 13.32 -8.45
CA GLU A 267 7.71 12.73 -8.96
C GLU A 267 7.57 11.22 -9.14
N ILE A 268 6.94 10.52 -8.20
CA ILE A 268 6.69 9.10 -8.37
C ILE A 268 5.92 8.85 -9.65
N TYR A 269 4.84 9.62 -9.87
CA TYR A 269 4.01 9.36 -11.03
C TYR A 269 4.65 9.79 -12.33
N ARG A 270 5.62 10.70 -12.28
CA ARG A 270 6.20 11.27 -13.49
C ARG A 270 6.92 10.19 -14.30
N ASP A 271 6.49 10.01 -15.55
CA ASP A 271 7.11 9.06 -16.47
C ASP A 271 7.00 7.62 -15.98
N MET A 272 6.07 7.34 -15.07
CA MET A 272 5.96 5.97 -14.56
C MET A 272 5.38 5.04 -15.62
N TYR A 273 4.14 5.30 -16.04
CA TYR A 273 3.51 4.50 -17.08
C TYR A 273 2.98 5.37 -18.23
#